data_1KQW
#
_entry.id   1KQW
#
_cell.length_a   89.018
_cell.length_b   89.018
_cell.length_c   38.271
_cell.angle_alpha   90.00
_cell.angle_beta   90.00
_cell.angle_gamma   90.00
#
_symmetry.space_group_name_H-M   'I 4'
#
loop_
_entity.id
_entity.type
_entity.pdbx_description
1 polymer 'Cellular retinol-binding protein'
2 non-polymer RETINOL
3 water water
#
_entity_poly.entity_id   1
_entity_poly.type   'polypeptide(L)'
_entity_poly.pdbx_seq_one_letter_code
;PADFNGTWEMLSNDNFEDVMKALDIDFATRKIAVHLKQTKVIVQNGDKFETKTLSTFRNYEVNFVIGEEFDEQTKGLDNR
TVKTLVKWDGDKLVCVQKGEKENRGWKQWIEGDLLHLEIHCQDKVCHQVFKKKN
;
_entity_poly.pdbx_strand_id   A
#
loop_
_chem_comp.id
_chem_comp.type
_chem_comp.name
_chem_comp.formula
RTL non-polymer RETINOL 'C20 H30 O'
#
# COMPACT_ATOMS: atom_id res chain seq x y z
N PRO A 1 19.06 8.07 -5.46
CA PRO A 1 18.18 7.35 -4.54
C PRO A 1 16.85 8.05 -4.43
N ALA A 2 15.79 7.26 -4.45
CA ALA A 2 14.46 7.82 -4.29
C ALA A 2 14.26 8.47 -2.94
N ASP A 3 13.41 9.49 -2.87
CA ASP A 3 13.08 9.98 -1.53
C ASP A 3 11.57 9.90 -1.38
N PHE A 4 11.08 8.98 -0.55
CA PHE A 4 9.64 8.80 -0.43
C PHE A 4 9.01 9.75 0.59
N ASN A 5 9.83 10.50 1.32
CA ASN A 5 9.29 11.47 2.24
C ASN A 5 8.25 12.40 1.62
N GLY A 6 7.12 12.53 2.31
CA GLY A 6 6.17 13.60 1.97
C GLY A 6 4.72 13.16 2.17
N THR A 7 3.84 14.03 1.72
CA THR A 7 2.39 13.79 1.74
C THR A 7 2.01 13.68 0.27
N TRP A 8 1.29 12.62 -0.07
CA TRP A 8 0.99 12.30 -1.47
C TRP A 8 -0.51 12.08 -1.61
N GLU A 9 -1.14 12.84 -2.50
CA GLU A 9 -2.59 12.84 -2.67
C GLU A 9 -2.96 12.01 -3.89
N MET A 10 -3.93 11.12 -3.70
CA MET A 10 -4.28 10.20 -4.78
C MET A 10 -4.81 10.93 -5.99
N LEU A 11 -4.28 10.58 -7.15
CA LEU A 11 -4.77 11.02 -8.44
C LEU A 11 -5.63 9.95 -9.14
N SER A 12 -5.18 8.71 -9.03
CA SER A 12 -5.88 7.62 -9.73
C SER A 12 -5.81 6.34 -8.90
N ASN A 13 -6.79 5.49 -9.19
CA ASN A 13 -6.98 4.23 -8.49
C ASN A 13 -7.72 3.25 -9.40
N ASP A 14 -6.98 2.30 -9.96
CA ASP A 14 -7.58 1.40 -10.95
C ASP A 14 -7.50 -0.03 -10.44
N ASN A 15 -8.63 -0.73 -10.59
CA ASN A 15 -8.74 -2.14 -10.23
C ASN A 15 -8.61 -2.41 -8.73
N PHE A 16 -8.86 -1.38 -7.91
CA PHE A 16 -8.91 -1.57 -6.46
C PHE A 16 -9.94 -2.59 -6.07
N GLU A 17 -11.11 -2.52 -6.72
CA GLU A 17 -12.16 -3.50 -6.38
C GLU A 17 -11.71 -4.93 -6.66
N ASP A 18 -10.96 -5.14 -7.73
CA ASP A 18 -10.46 -6.50 -7.98
C ASP A 18 -9.63 -7.03 -6.82
N VAL A 19 -8.78 -6.16 -6.29
CA VAL A 19 -7.92 -6.62 -5.18
C VAL A 19 -8.73 -6.78 -3.92
N MET A 20 -9.64 -5.82 -3.67
CA MET A 20 -10.45 -5.98 -2.46
C MET A 20 -11.27 -7.27 -2.52
N LYS A 21 -11.84 -7.59 -3.66
CA LYS A 21 -12.59 -8.84 -3.76
C LYS A 21 -11.67 -10.03 -3.54
N ALA A 22 -10.45 -10.02 -4.06
CA ALA A 22 -9.51 -11.12 -3.81
C ALA A 22 -9.22 -11.25 -2.31
N LEU A 23 -9.28 -10.14 -1.56
CA LEU A 23 -9.10 -10.18 -0.12
C LEU A 23 -10.37 -10.53 0.67
N ASP A 24 -11.45 -10.81 -0.04
CA ASP A 24 -12.72 -11.19 0.54
C ASP A 24 -13.40 -10.02 1.26
N ILE A 25 -12.98 -8.79 0.93
CA ILE A 25 -13.72 -7.63 1.48
C ILE A 25 -15.10 -7.59 0.86
N ASP A 26 -16.13 -7.48 1.68
CA ASP A 26 -17.48 -7.62 1.12
C ASP A 26 -17.89 -6.46 0.21
N PHE A 27 -18.88 -6.74 -0.66
CA PHE A 27 -19.29 -5.79 -1.67
C PHE A 27 -19.66 -4.45 -1.10
N ALA A 28 -20.43 -4.42 -0.01
CA ALA A 28 -20.84 -3.10 0.53
C ALA A 28 -19.62 -2.25 0.88
N THR A 29 -18.65 -2.88 1.51
CA THR A 29 -17.42 -2.16 1.89
C THR A 29 -16.62 -1.75 0.67
N ARG A 30 -16.55 -2.58 -0.37
CA ARG A 30 -15.81 -2.23 -1.58
C ARG A 30 -16.41 -0.99 -2.23
N LYS A 31 -17.74 -0.97 -2.26
CA LYS A 31 -18.47 0.16 -2.84
C LYS A 31 -18.14 1.46 -2.10
N ILE A 32 -18.06 1.42 -0.77
CA ILE A 32 -17.65 2.62 -0.02
C ILE A 32 -16.22 3.03 -0.33
N ALA A 33 -15.34 2.05 -0.25
CA ALA A 33 -13.91 2.31 -0.36
C ALA A 33 -13.48 2.77 -1.73
N VAL A 34 -14.02 2.19 -2.80
CA VAL A 34 -13.50 2.54 -4.14
C VAL A 34 -13.74 4.00 -4.48
N HIS A 35 -14.73 4.61 -3.81
CA HIS A 35 -15.03 6.00 -4.13
C HIS A 35 -14.31 6.98 -3.23
N LEU A 36 -13.36 6.53 -2.41
CA LEU A 36 -12.75 7.51 -1.51
C LEU A 36 -11.36 7.93 -2.02
N LYS A 37 -11.04 9.21 -1.94
CA LYS A 37 -9.66 9.64 -2.13
C LYS A 37 -8.81 9.15 -0.96
N GLN A 38 -7.53 8.92 -1.23
CA GLN A 38 -6.60 8.51 -0.20
C GLN A 38 -5.42 9.48 -0.16
N THR A 39 -4.81 9.59 1.01
CA THR A 39 -3.56 10.33 1.15
C THR A 39 -2.49 9.41 1.71
N LYS A 40 -1.27 9.44 1.19
CA LYS A 40 -0.19 8.65 1.79
C LYS A 40 0.77 9.62 2.47
N VAL A 41 1.07 9.37 3.73
CA VAL A 41 2.00 10.17 4.49
C VAL A 41 3.18 9.27 4.84
N ILE A 42 4.34 9.72 4.36
CA ILE A 42 5.52 8.87 4.52
C ILE A 42 6.66 9.67 5.16
N VAL A 43 7.22 9.03 6.17
CA VAL A 43 8.48 9.54 6.73
C VAL A 43 9.52 8.45 6.46
N GLN A 44 10.60 8.79 5.77
CA GLN A 44 11.66 7.86 5.43
C GLN A 44 13.00 8.37 5.94
N ASN A 45 13.69 7.50 6.65
CA ASN A 45 15.00 7.76 7.19
C ASN A 45 15.85 6.58 6.72
N GLY A 46 16.37 6.78 5.51
CA GLY A 46 17.14 5.68 4.91
C GLY A 46 16.27 4.45 4.72
N ASP A 47 16.56 3.37 5.42
CA ASP A 47 15.82 2.12 5.27
C ASP A 47 14.64 2.05 6.22
N LYS A 48 14.45 3.07 7.07
CA LYS A 48 13.34 3.08 8.01
C LYS A 48 12.16 3.87 7.46
N PHE A 49 10.98 3.23 7.48
CA PHE A 49 9.78 3.82 6.92
C PHE A 49 8.63 3.82 7.91
N GLU A 50 8.03 4.99 8.02
CA GLU A 50 6.78 5.16 8.74
C GLU A 50 5.72 5.65 7.75
N THR A 51 4.69 4.84 7.53
CA THR A 51 3.68 5.22 6.55
C THR A 51 2.25 5.14 7.09
N LYS A 52 1.45 6.08 6.60
CA LYS A 52 0.06 6.19 6.92
C LYS A 52 -0.77 6.40 5.63
N THR A 53 -1.88 5.71 5.55
CA THR A 53 -2.82 5.77 4.44
C THR A 53 -4.14 6.32 4.97
N LEU A 54 -4.51 7.50 4.47
CA LEU A 54 -5.61 8.24 5.07
C LEU A 54 -6.82 8.36 4.16
N SER A 55 -8.03 8.22 4.73
CA SER A 55 -9.25 8.43 4.00
C SER A 55 -10.36 8.82 4.98
N THR A 56 -11.47 9.33 4.46
CA THR A 56 -12.54 9.73 5.35
C THR A 56 -13.22 8.54 6.01
N PHE A 57 -13.07 7.35 5.44
CA PHE A 57 -13.68 6.12 5.94
C PHE A 57 -12.87 5.42 7.02
N ARG A 58 -11.72 4.88 6.60
CA ARG A 58 -10.75 4.25 7.50
C ARG A 58 -9.33 4.73 7.20
N ASN A 59 -8.45 4.67 8.20
CA ASN A 59 -7.03 4.98 8.06
C ASN A 59 -6.18 3.74 8.30
N TYR A 60 -4.99 3.68 7.71
CA TYR A 60 -4.14 2.50 7.88
C TYR A 60 -2.67 2.87 8.08
N GLU A 61 -2.03 2.27 9.06
CA GLU A 61 -0.64 2.58 9.38
C GLU A 61 0.23 1.35 9.23
N VAL A 62 1.36 1.51 8.53
CA VAL A 62 2.32 0.39 8.51
C VAL A 62 3.73 1.00 8.53
N ASN A 63 4.54 0.52 9.46
CA ASN A 63 5.90 0.96 9.71
C ASN A 63 6.87 -0.21 9.61
N PHE A 64 7.98 0.01 8.91
CA PHE A 64 8.89 -1.09 8.65
C PHE A 64 10.32 -0.63 8.40
N VAL A 65 11.27 -1.57 8.59
CA VAL A 65 12.63 -1.37 8.11
C VAL A 65 12.96 -2.34 6.99
N ILE A 66 13.65 -1.87 5.98
CA ILE A 66 13.98 -2.74 4.85
C ILE A 66 14.71 -3.97 5.37
N GLY A 67 14.26 -5.12 4.86
CA GLY A 67 14.94 -6.37 5.14
C GLY A 67 14.56 -6.97 6.48
N GLU A 68 13.70 -6.32 7.28
CA GLU A 68 13.29 -6.81 8.57
C GLU A 68 11.83 -7.27 8.56
N GLU A 69 11.67 -8.60 8.60
CA GLU A 69 10.31 -9.15 8.58
C GLU A 69 9.58 -8.87 9.90
N PHE A 70 8.28 -8.64 9.79
CA PHE A 70 7.47 -8.27 10.96
C PHE A 70 6.05 -8.78 10.75
N ASP A 71 5.31 -8.91 11.85
CA ASP A 71 3.92 -9.29 11.75
C ASP A 71 3.05 -8.05 11.48
N GLU A 72 2.33 -8.05 10.38
CA GLU A 72 1.43 -6.99 10.02
C GLU A 72 -0.02 -7.45 10.21
N GLN A 73 -0.79 -6.62 10.89
CA GLN A 73 -2.21 -6.92 11.10
C GLN A 73 -3.01 -5.96 10.23
N THR A 74 -3.69 -6.48 9.21
CA THR A 74 -4.31 -5.57 8.25
C THR A 74 -5.68 -5.09 8.70
N LYS A 75 -5.73 -4.63 9.95
CA LYS A 75 -6.95 -4.15 10.57
C LYS A 75 -7.56 -3.01 9.76
N GLY A 76 -8.87 -3.08 9.53
CA GLY A 76 -9.61 -2.16 8.71
C GLY A 76 -9.62 -2.50 7.22
N LEU A 77 -8.84 -3.50 6.84
CA LEU A 77 -8.78 -3.91 5.43
C LEU A 77 -9.52 -5.24 5.39
N ASP A 78 -8.70 -6.29 5.38
CA ASP A 78 -9.22 -7.63 5.58
C ASP A 78 -8.94 -8.17 6.98
N ASN A 79 -8.20 -7.45 7.81
CA ASN A 79 -7.93 -7.83 9.20
C ASN A 79 -7.35 -9.24 9.29
N ARG A 80 -6.32 -9.47 8.48
CA ARG A 80 -5.55 -10.69 8.53
C ARG A 80 -4.15 -10.40 9.10
N THR A 81 -3.55 -11.46 9.64
CA THR A 81 -2.16 -11.41 10.07
C THR A 81 -1.29 -11.88 8.89
N VAL A 82 -0.29 -11.08 8.54
CA VAL A 82 0.65 -11.54 7.51
C VAL A 82 2.07 -11.32 8.01
N LYS A 83 3.02 -12.05 7.43
CA LYS A 83 4.44 -11.82 7.68
C LYS A 83 4.99 -10.96 6.56
N THR A 84 5.36 -9.73 6.86
CA THR A 84 5.66 -8.74 5.83
C THR A 84 7.16 -8.45 5.76
N LEU A 85 7.66 -8.39 4.53
CA LEU A 85 9.09 -8.15 4.29
C LEU A 85 9.20 -7.19 3.11
N VAL A 86 9.84 -6.06 3.33
CA VAL A 86 10.00 -5.10 2.24
C VAL A 86 11.48 -5.01 1.89
N LYS A 87 11.83 -5.09 0.61
CA LYS A 87 13.20 -4.97 0.15
C LYS A 87 13.27 -4.02 -1.05
N TRP A 88 14.50 -3.60 -1.37
CA TRP A 88 14.69 -2.74 -2.51
C TRP A 88 14.72 -3.54 -3.83
N ASP A 89 14.26 -2.93 -4.90
CA ASP A 89 14.44 -3.35 -6.30
C ASP A 89 14.92 -2.11 -7.00
N GLY A 90 16.24 -1.92 -7.03
CA GLY A 90 16.72 -0.60 -7.49
C GLY A 90 16.21 0.49 -6.55
N ASP A 91 15.48 1.45 -7.12
CA ASP A 91 14.96 2.58 -6.35
C ASP A 91 13.53 2.30 -5.90
N LYS A 92 13.06 1.09 -6.18
CA LYS A 92 11.65 0.72 -5.90
C LYS A 92 11.50 -0.11 -4.64
N LEU A 93 10.36 -0.04 -3.97
CA LEU A 93 10.08 -0.88 -2.82
C LEU A 93 9.29 -2.11 -3.28
N VAL A 94 9.69 -3.30 -2.86
CA VAL A 94 8.91 -4.49 -3.15
C VAL A 94 8.58 -5.22 -1.85
N CYS A 95 7.29 -5.37 -1.58
CA CYS A 95 6.84 -5.99 -0.36
C CYS A 95 6.15 -7.33 -0.61
N VAL A 96 6.53 -8.34 0.15
CA VAL A 96 5.86 -9.64 0.15
C VAL A 96 5.13 -9.80 1.47
N GLN A 97 3.86 -10.16 1.45
CA GLN A 97 3.08 -10.41 2.65
C GLN A 97 2.70 -11.89 2.69
N LYS A 98 3.45 -12.64 3.46
CA LYS A 98 3.23 -14.09 3.54
C LYS A 98 2.06 -14.42 4.44
N GLY A 99 1.13 -15.25 3.96
CA GLY A 99 -0.01 -15.54 4.86
C GLY A 99 -1.02 -16.39 4.11
N GLU A 100 -2.28 -16.30 4.50
CA GLU A 100 -3.36 -17.11 3.92
C GLU A 100 -3.56 -16.89 2.43
N LYS A 101 -3.55 -15.62 1.99
CA LYS A 101 -3.73 -15.30 0.58
C LYS A 101 -2.44 -15.49 -0.21
N GLU A 102 -2.58 -16.10 -1.38
CA GLU A 102 -1.40 -16.36 -2.21
C GLU A 102 -0.97 -15.13 -3.01
N ASN A 103 0.32 -15.00 -3.27
CA ASN A 103 0.84 -13.92 -4.12
C ASN A 103 0.35 -12.55 -3.71
N ARG A 104 0.49 -12.26 -2.41
CA ARG A 104 0.06 -11.00 -1.81
C ARG A 104 1.24 -10.07 -1.52
N GLY A 105 1.10 -8.80 -1.92
CA GLY A 105 2.20 -7.88 -1.63
C GLY A 105 1.95 -6.57 -2.37
N TRP A 106 3.00 -5.76 -2.52
CA TRP A 106 2.86 -4.47 -3.22
C TRP A 106 4.22 -4.02 -3.69
N LYS A 107 4.18 -3.05 -4.57
CA LYS A 107 5.41 -2.47 -5.14
C LYS A 107 5.21 -0.97 -5.24
N GLN A 108 6.20 -0.20 -4.82
CA GLN A 108 6.02 1.25 -4.74
C GLN A 108 7.23 1.95 -5.33
N TRP A 109 6.98 3.02 -6.08
CA TRP A 109 8.13 3.73 -6.68
C TRP A 109 7.73 5.16 -7.04
N ILE A 110 8.74 5.97 -7.32
CA ILE A 110 8.51 7.36 -7.74
C ILE A 110 8.93 7.55 -9.19
N GLU A 111 8.11 8.23 -9.97
CA GLU A 111 8.52 8.78 -11.26
C GLU A 111 8.28 10.30 -11.18
N GLY A 112 9.37 11.07 -11.17
CA GLY A 112 9.17 12.51 -11.05
C GLY A 112 8.58 12.90 -9.71
N ASP A 113 7.46 13.63 -9.75
CA ASP A 113 6.80 13.92 -8.48
C ASP A 113 5.58 13.04 -8.27
N LEU A 114 5.50 11.89 -8.97
CA LEU A 114 4.37 10.98 -8.80
C LEU A 114 4.80 9.70 -8.08
N LEU A 115 4.05 9.36 -7.04
CA LEU A 115 4.23 8.10 -6.33
C LEU A 115 3.31 7.06 -6.97
N HIS A 116 3.84 5.91 -7.34
CA HIS A 116 3.08 4.79 -7.86
C HIS A 116 3.04 3.65 -6.85
N LEU A 117 1.89 3.02 -6.71
CA LEU A 117 1.70 1.89 -5.82
C LEU A 117 0.92 0.83 -6.58
N GLU A 118 1.50 -0.35 -6.71
CA GLU A 118 0.89 -1.53 -7.26
C GLU A 118 0.53 -2.45 -6.08
N ILE A 119 -0.71 -2.84 -5.94
CA ILE A 119 -1.09 -3.75 -4.87
C ILE A 119 -1.58 -5.05 -5.51
N HIS A 120 -1.07 -6.20 -5.06
CA HIS A 120 -1.47 -7.43 -5.75
C HIS A 120 -1.87 -8.51 -4.73
N CYS A 121 -2.82 -9.31 -5.12
CA CYS A 121 -3.29 -10.45 -4.38
C CYS A 121 -3.80 -11.51 -5.37
N GLN A 122 -3.40 -12.75 -5.20
CA GLN A 122 -3.77 -13.78 -6.18
C GLN A 122 -3.43 -13.30 -7.59
N ASP A 123 -4.35 -13.34 -8.56
CA ASP A 123 -4.05 -12.85 -9.91
C ASP A 123 -4.53 -11.44 -10.16
N LYS A 124 -4.81 -10.66 -9.11
CA LYS A 124 -5.36 -9.32 -9.32
C LYS A 124 -4.32 -8.27 -8.96
N VAL A 125 -4.37 -7.15 -9.66
CA VAL A 125 -3.42 -6.06 -9.46
C VAL A 125 -4.15 -4.72 -9.53
N CYS A 126 -3.89 -3.89 -8.51
CA CYS A 126 -4.42 -2.53 -8.45
C CYS A 126 -3.24 -1.56 -8.63
N HIS A 127 -3.45 -0.55 -9.47
CA HIS A 127 -2.49 0.52 -9.67
C HIS A 127 -3.03 1.87 -9.20
N GLN A 128 -2.31 2.49 -8.28
CA GLN A 128 -2.61 3.80 -7.73
C GLN A 128 -1.48 4.78 -8.03
N VAL A 129 -1.85 6.04 -8.26
CA VAL A 129 -0.88 7.09 -8.50
C VAL A 129 -1.22 8.26 -7.57
N PHE A 130 -0.19 8.84 -6.98
CA PHE A 130 -0.36 9.95 -6.04
C PHE A 130 0.54 11.12 -6.45
N LYS A 131 0.06 12.35 -6.25
CA LYS A 131 0.83 13.56 -6.52
C LYS A 131 1.41 14.15 -5.23
N LYS A 132 2.68 14.53 -5.23
CA LYS A 132 3.37 15.11 -4.07
C LYS A 132 2.79 16.47 -3.72
N LYS A 133 2.40 16.59 -2.45
CA LYS A 133 1.95 17.91 -2.04
C LYS A 133 3.08 18.60 -1.27
N ASN A 134 3.43 17.91 -0.19
CA ASN A 134 4.52 18.17 0.73
C ASN A 134 5.18 16.86 1.16
C1 RTL B . -8.64 1.94 3.18
C2 RTL B . -10.15 2.08 3.53
C3 RTL B . -10.80 0.79 3.97
C4 RTL B . -10.66 -0.30 2.92
C5 RTL B . -9.21 -0.43 2.37
C6 RTL B . -8.38 0.63 2.31
C7 RTL B . -7.11 0.54 1.61
C8 RTL B . -5.84 0.64 1.98
C9 RTL B . -4.74 0.07 1.21
C10 RTL B . -3.51 0.42 1.64
C11 RTL B . -2.25 -0.12 1.15
C12 RTL B . -1.22 0.06 2.01
C13 RTL B . 0.18 -0.02 1.66
C14 RTL B . 1.06 0.73 2.35
C15 RTL B . 1.46 2.08 2.00
C15 RTL B . 2.39 1.17 1.92
O1 RTL B . 1.94 2.09 0.65
O1 RTL B . 3.07 1.70 3.05
C16 RTL B . -7.82 1.83 4.50
C17 RTL B . -8.24 3.23 2.43
C18 RTL B . -9.08 -1.64 1.40
C19 RTL B . -4.94 -1.31 0.53
C20 RTL B . 0.62 -0.81 0.43
#